data_2D54
#
_entry.id   2D54
#
_cell.length_a   50.318
_cell.length_b   82.209
_cell.length_c   120.560
_cell.angle_alpha   90.00
_cell.angle_beta   90.00
_cell.angle_gamma   90.00
#
_symmetry.space_group_name_H-M   'P 21 21 21'
#
loop_
_entity.id
_entity.type
_entity.pdbx_description
1 polymer 'Methionyl-tRNA synthetase'
2 non-polymer 'ZINC ION'
3 water water
#
_entity_poly.entity_id   1
_entity_poly.type   'polypeptide(L)'
_entity_poly.pdbx_seq_one_letter_code
;MEKVFYVTTPIYYVNAEPHLGHAYTTVVADFLARWHRLDGYRTFFLTGTDEHGETVYRAAQAAGEDPKAFVDRVSGRFKR
AWDLLGIAYDDFIRTTEERHKKVVQLVLKKVYEAGDIYYGEYEGLYCVSCERFYTEKELVEGLCPIHGRPVERRKEGNYF
FRMEKYRPWLQEYIQENPDLIRPEGYRNEVLAMLAEPIGDLSISRPKSRVPWGIPLPWDENHVTAVWFDALLNYVSALDY
PEGEAYRTFWPHAWHLIGKDILKPHAVFWPTMLKAAGIPMYRHLNVGGFLLGPDGRKMSKTLGNVVDPFALLEKYGRDAL
RYYLLREIPYGQDTPVSEEALRTRYEADLADDLGNLVQRTRAMLFRFAEGRIPEPVAGEELAEGTGLAGRLRPLVRELKF
HVALEEAMAYVKALNRYINEKKPWELFKKEPEEARAVLYRVVEGLRIASILLTPAMPDKMAELRRALGLKEEVRLEEAER
WGLAEPRPIPEEAPVLFPKKEA
;
_entity_poly.pdbx_strand_id   A
#
loop_
_chem_comp.id
_chem_comp.type
_chem_comp.name
_chem_comp.formula
ZN non-polymer 'ZINC ION' 'Zn 2'
#
# COMPACT_ATOMS: atom_id res chain seq x y z
N MET A 1 5.67 -9.62 20.92
CA MET A 1 6.68 -10.61 21.38
C MET A 1 6.84 -11.70 20.33
N GLU A 2 5.73 -12.05 19.68
CA GLU A 2 5.78 -13.09 18.67
C GLU A 2 5.38 -12.58 17.28
N LYS A 3 4.13 -12.16 17.11
CA LYS A 3 3.69 -11.69 15.79
C LYS A 3 3.47 -10.19 15.66
N VAL A 4 4.38 -9.56 14.93
CA VAL A 4 4.34 -8.12 14.70
C VAL A 4 4.51 -7.83 13.20
N PHE A 5 3.69 -6.92 12.68
CA PHE A 5 3.76 -6.53 11.28
C PHE A 5 3.78 -5.01 11.19
N TYR A 6 4.73 -4.50 10.42
CA TYR A 6 4.87 -3.08 10.20
C TYR A 6 5.02 -2.85 8.70
N VAL A 7 4.13 -2.03 8.15
CA VAL A 7 4.20 -1.74 6.72
C VAL A 7 4.02 -0.25 6.53
N THR A 8 4.77 0.28 5.58
CA THR A 8 4.73 1.71 5.29
C THR A 8 4.50 1.91 3.80
N THR A 9 3.98 3.09 3.46
CA THR A 9 3.80 3.45 2.07
C THR A 9 4.71 4.67 1.98
N PRO A 10 5.01 5.14 0.77
CA PRO A 10 5.88 6.32 0.72
C PRO A 10 5.05 7.50 1.19
N ILE A 11 5.69 8.54 1.69
CA ILE A 11 4.90 9.72 2.06
C ILE A 11 4.89 10.51 0.75
N TYR A 12 3.71 10.90 0.31
CA TYR A 12 3.57 11.59 -0.97
C TYR A 12 3.69 13.11 -0.96
N TYR A 13 4.21 13.65 -2.06
CA TYR A 13 4.39 15.09 -2.23
C TYR A 13 3.03 15.68 -1.87
N VAL A 14 3.00 16.43 -0.78
CA VAL A 14 1.77 17.01 -0.25
C VAL A 14 0.91 17.85 -1.19
N ASN A 15 1.54 18.47 -2.19
CA ASN A 15 0.80 19.31 -3.13
C ASN A 15 0.37 18.56 -4.39
N ALA A 16 0.77 17.31 -4.53
CA ALA A 16 0.41 16.53 -5.71
C ALA A 16 -1.03 16.01 -5.62
N GLU A 17 -1.75 16.02 -6.73
CA GLU A 17 -3.12 15.53 -6.71
C GLU A 17 -3.09 14.00 -6.68
N PRO A 18 -3.82 13.40 -5.74
CA PRO A 18 -3.85 11.94 -5.62
C PRO A 18 -4.22 11.27 -6.96
N HIS A 19 -3.49 10.23 -7.33
CA HIS A 19 -3.78 9.54 -8.58
C HIS A 19 -3.75 8.02 -8.44
N LEU A 20 -3.92 7.31 -9.54
CA LEU A 20 -3.96 5.85 -9.52
C LEU A 20 -2.76 5.23 -8.83
N GLY A 21 -1.57 5.73 -9.16
CA GLY A 21 -0.35 5.20 -8.56
C GLY A 21 -0.37 5.26 -7.04
N HIS A 22 -0.74 6.41 -6.49
CA HIS A 22 -0.80 6.57 -5.04
C HIS A 22 -1.81 5.56 -4.49
N ALA A 23 -3.00 5.56 -5.09
CA ALA A 23 -4.09 4.68 -4.70
C ALA A 23 -3.70 3.21 -4.62
N TYR A 24 -3.04 2.73 -5.67
CA TYR A 24 -2.62 1.33 -5.73
C TYR A 24 -1.68 0.93 -4.59
N THR A 25 -0.59 1.67 -4.43
CA THR A 25 0.38 1.36 -3.39
C THR A 25 -0.28 1.35 -2.00
N THR A 26 -1.14 2.34 -1.76
CA THR A 26 -1.81 2.46 -0.48
C THR A 26 -2.78 1.30 -0.24
N VAL A 27 -3.52 0.93 -1.29
CA VAL A 27 -4.48 -0.18 -1.20
C VAL A 27 -3.73 -1.50 -0.92
N VAL A 28 -2.57 -1.69 -1.53
CA VAL A 28 -1.81 -2.91 -1.28
C VAL A 28 -1.34 -2.96 0.17
N ALA A 29 -0.80 -1.84 0.65
CA ALA A 29 -0.34 -1.76 2.03
C ALA A 29 -1.51 -2.03 2.97
N ASP A 30 -2.69 -1.54 2.60
CA ASP A 30 -3.87 -1.75 3.43
C ASP A 30 -4.26 -3.23 3.45
N PHE A 31 -4.20 -3.88 2.29
CA PHE A 31 -4.54 -5.30 2.22
C PHE A 31 -3.60 -6.06 3.17
N LEU A 32 -2.30 -5.81 3.04
CA LEU A 32 -1.28 -6.44 3.89
C LEU A 32 -1.54 -6.23 5.40
N ALA A 33 -1.81 -4.97 5.78
CA ALA A 33 -2.08 -4.60 7.17
C ALA A 33 -3.35 -5.30 7.67
N ARG A 34 -4.42 -5.19 6.88
CA ARG A 34 -5.70 -5.81 7.24
C ARG A 34 -5.54 -7.33 7.37
N TRP A 35 -4.78 -7.92 6.45
CA TRP A 35 -4.56 -9.37 6.48
C TRP A 35 -3.82 -9.79 7.76
N HIS A 36 -2.70 -9.14 8.05
CA HIS A 36 -1.97 -9.50 9.26
C HIS A 36 -2.76 -9.21 10.54
N ARG A 37 -3.59 -8.17 10.55
CA ARG A 37 -4.40 -7.92 11.73
C ARG A 37 -5.37 -9.09 11.90
N LEU A 38 -5.93 -9.53 10.79
CA LEU A 38 -6.86 -10.64 10.81
C LEU A 38 -6.17 -11.92 11.29
N ASP A 39 -4.88 -12.04 10.96
CA ASP A 39 -4.10 -13.22 11.33
C ASP A 39 -3.46 -13.13 12.72
N GLY A 40 -3.96 -12.19 13.53
CA GLY A 40 -3.47 -12.04 14.89
C GLY A 40 -2.21 -11.25 15.15
N TYR A 41 -1.67 -10.59 14.14
CA TYR A 41 -0.44 -9.81 14.32
C TYR A 41 -0.70 -8.45 14.95
N ARG A 42 0.24 -8.01 15.77
CA ARG A 42 0.21 -6.68 16.36
C ARG A 42 0.69 -5.89 15.14
N THR A 43 -0.18 -5.03 14.62
CA THR A 43 0.12 -4.30 13.38
C THR A 43 0.19 -2.77 13.43
N PHE A 44 1.09 -2.22 12.63
CA PHE A 44 1.22 -0.76 12.50
C PHE A 44 1.36 -0.48 11.01
N PHE A 45 0.43 0.32 10.48
CA PHE A 45 0.39 0.69 9.07
C PHE A 45 0.56 2.21 8.99
N LEU A 46 1.67 2.65 8.40
CA LEU A 46 1.99 4.06 8.28
C LEU A 46 1.90 4.61 6.86
N THR A 47 1.43 5.86 6.77
CA THR A 47 1.33 6.56 5.49
C THR A 47 1.48 8.04 5.86
N GLY A 48 1.57 8.91 4.87
CA GLY A 48 1.71 10.33 5.17
C GLY A 48 2.04 11.23 3.99
N THR A 49 2.47 12.45 4.29
CA THR A 49 2.79 13.43 3.26
C THR A 49 4.11 14.17 3.49
N ASP A 50 4.85 14.36 2.40
CA ASP A 50 6.12 15.06 2.36
C ASP A 50 5.74 16.53 2.14
N GLU A 51 5.92 17.36 3.17
CA GLU A 51 5.50 18.76 3.07
C GLU A 51 6.55 19.86 3.07
N HIS A 52 7.82 19.49 3.02
CA HIS A 52 8.88 20.49 3.01
C HIS A 52 9.41 20.77 1.61
N GLY A 53 10.38 21.67 1.48
CA GLY A 53 10.93 21.98 0.17
C GLY A 53 10.48 23.34 -0.34
N GLU A 54 11.25 23.93 -1.25
CA GLU A 54 10.89 25.24 -1.79
C GLU A 54 9.73 25.21 -2.76
N THR A 55 9.53 24.07 -3.43
CA THR A 55 8.43 23.94 -4.38
C THR A 55 7.08 24.16 -3.69
N VAL A 56 6.87 23.50 -2.56
CA VAL A 56 5.62 23.65 -1.81
C VAL A 56 5.52 25.07 -1.30
N TYR A 57 6.64 25.59 -0.78
CA TYR A 57 6.68 26.95 -0.26
C TYR A 57 6.23 27.92 -1.33
N ARG A 58 6.81 27.79 -2.53
CA ARG A 58 6.45 28.62 -3.67
C ARG A 58 4.96 28.54 -3.93
N ALA A 59 4.46 27.31 -3.97
CA ALA A 59 3.05 27.05 -4.21
C ALA A 59 2.20 27.81 -3.22
N ALA A 60 2.62 27.80 -1.95
CA ALA A 60 1.89 28.51 -0.91
C ALA A 60 1.85 30.01 -1.19
N GLN A 61 3.02 30.59 -1.49
CA GLN A 61 3.08 32.02 -1.77
C GLN A 61 2.25 32.34 -3.00
N ALA A 62 2.36 31.49 -4.01
CA ALA A 62 1.59 31.67 -5.24
C ALA A 62 0.12 31.79 -4.89
N ALA A 63 -0.40 30.78 -4.21
CA ALA A 63 -1.81 30.78 -3.80
C ALA A 63 -2.07 31.92 -2.83
N GLY A 64 -1.00 32.58 -2.40
CA GLY A 64 -1.12 33.68 -1.47
C GLY A 64 -1.53 33.21 -0.09
N GLU A 65 -0.93 32.12 0.37
CA GLU A 65 -1.26 31.57 1.68
C GLU A 65 -0.01 31.25 2.51
N ASP A 66 -0.16 31.33 3.83
CA ASP A 66 0.93 31.00 4.74
C ASP A 66 1.27 29.52 4.48
N PRO A 67 2.57 29.20 4.30
CA PRO A 67 3.00 27.83 4.04
C PRO A 67 2.44 26.72 4.93
N LYS A 68 2.47 26.91 6.25
CA LYS A 68 1.93 25.89 7.15
C LYS A 68 0.44 25.70 6.91
N ALA A 69 -0.31 26.80 6.85
CA ALA A 69 -1.75 26.70 6.62
C ALA A 69 -2.01 26.06 5.27
N PHE A 70 -1.11 26.30 4.32
CA PHE A 70 -1.21 25.75 2.98
C PHE A 70 -1.10 24.22 2.97
N VAL A 71 -0.07 23.69 3.62
CA VAL A 71 0.12 22.25 3.66
C VAL A 71 -0.94 21.57 4.52
N ASP A 72 -1.43 22.28 5.52
CA ASP A 72 -2.48 21.72 6.37
C ASP A 72 -3.70 21.45 5.50
N ARG A 73 -3.98 22.38 4.59
CA ARG A 73 -5.13 22.24 3.71
C ARG A 73 -4.97 21.20 2.62
N VAL A 74 -3.88 21.30 1.83
CA VAL A 74 -3.66 20.37 0.74
C VAL A 74 -3.37 18.92 1.16
N SER A 75 -2.90 18.73 2.39
CA SER A 75 -2.63 17.38 2.86
C SER A 75 -3.97 16.66 3.00
N GLY A 76 -5.02 17.45 3.19
CA GLY A 76 -6.36 16.89 3.33
C GLY A 76 -6.84 16.10 2.13
N ARG A 77 -6.24 16.36 0.96
CA ARG A 77 -6.62 15.64 -0.25
C ARG A 77 -6.24 14.17 -0.12
N PHE A 78 -5.07 13.91 0.45
CA PHE A 78 -4.64 12.53 0.64
C PHE A 78 -5.46 11.86 1.74
N LYS A 79 -5.76 12.61 2.80
CA LYS A 79 -6.55 12.04 3.89
C LYS A 79 -7.94 11.68 3.39
N ARG A 80 -8.52 12.54 2.55
CA ARG A 80 -9.85 12.27 2.00
C ARG A 80 -9.79 11.11 1.02
N ALA A 81 -8.69 11.03 0.27
CA ALA A 81 -8.53 9.94 -0.69
C ALA A 81 -8.50 8.61 0.04
N TRP A 82 -7.74 8.55 1.14
CA TRP A 82 -7.64 7.32 1.91
C TRP A 82 -8.96 6.97 2.59
N ASP A 83 -9.72 7.99 2.98
CA ASP A 83 -11.03 7.76 3.60
C ASP A 83 -11.95 7.16 2.53
N LEU A 84 -11.92 7.75 1.35
CA LEU A 84 -12.75 7.28 0.23
C LEU A 84 -12.43 5.82 -0.11
N LEU A 85 -11.14 5.48 -0.11
CA LEU A 85 -10.70 4.12 -0.42
C LEU A 85 -10.79 3.13 0.75
N GLY A 86 -11.24 3.61 1.90
CA GLY A 86 -11.37 2.73 3.05
C GLY A 86 -10.04 2.21 3.58
N ILE A 87 -9.04 3.06 3.59
CA ILE A 87 -7.72 2.69 4.08
C ILE A 87 -7.67 2.85 5.61
N ALA A 88 -7.41 1.74 6.30
CA ALA A 88 -7.36 1.78 7.76
C ALA A 88 -5.91 1.85 8.24
N TYR A 89 -5.32 3.04 8.14
CA TYR A 89 -3.95 3.24 8.57
C TYR A 89 -3.94 3.56 10.06
N ASP A 90 -2.81 3.30 10.70
CA ASP A 90 -2.70 3.56 12.13
C ASP A 90 -2.21 4.99 12.38
N ASP A 91 -1.43 5.50 11.45
CA ASP A 91 -0.91 6.86 11.58
C ASP A 91 -0.74 7.50 10.21
N PHE A 92 -0.93 8.81 10.16
CA PHE A 92 -0.75 9.59 8.94
C PHE A 92 0.28 10.64 9.37
N ILE A 93 1.54 10.41 9.00
CA ILE A 93 2.61 11.32 9.39
C ILE A 93 2.82 12.45 8.39
N ARG A 94 2.95 13.66 8.93
CA ARG A 94 3.17 14.85 8.12
C ARG A 94 4.54 15.38 8.54
N THR A 95 5.42 15.65 7.58
CA THR A 95 6.76 16.10 7.90
C THR A 95 6.90 17.44 8.60
N THR A 96 5.79 18.13 8.82
CA THR A 96 5.82 19.42 9.52
C THR A 96 5.67 19.19 11.02
N GLU A 97 5.28 17.99 11.39
CA GLU A 97 5.11 17.63 12.81
C GLU A 97 6.38 17.88 13.61
N GLU A 98 6.23 18.27 14.87
CA GLU A 98 7.39 18.52 15.70
C GLU A 98 8.24 17.27 15.92
N ARG A 99 7.60 16.13 16.18
CA ARG A 99 8.35 14.91 16.41
C ARG A 99 9.22 14.52 15.23
N HIS A 100 8.79 14.89 14.02
CA HIS A 100 9.59 14.55 12.84
C HIS A 100 10.84 15.43 12.82
N LYS A 101 10.68 16.70 13.17
CA LYS A 101 11.81 17.61 13.20
C LYS A 101 12.86 17.18 14.22
N LYS A 102 12.40 16.73 15.38
CA LYS A 102 13.32 16.30 16.43
C LYS A 102 14.10 15.05 16.02
N VAL A 103 13.44 14.11 15.36
CA VAL A 103 14.12 12.90 14.94
C VAL A 103 15.13 13.19 13.83
N VAL A 104 14.75 14.03 12.87
CA VAL A 104 15.63 14.38 11.78
C VAL A 104 16.90 15.09 12.30
N GLN A 105 16.73 16.03 13.22
CA GLN A 105 17.90 16.72 13.77
C GLN A 105 18.73 15.78 14.64
N LEU A 106 18.06 14.91 15.38
CA LEU A 106 18.77 13.97 16.24
C LEU A 106 19.59 13.01 15.36
N VAL A 107 19.03 12.59 14.24
CA VAL A 107 19.73 11.69 13.33
C VAL A 107 20.87 12.43 12.62
N LEU A 108 20.61 13.68 12.23
CA LEU A 108 21.62 14.49 11.57
C LEU A 108 22.82 14.65 12.50
N LYS A 109 22.56 14.83 13.79
CA LYS A 109 23.62 14.98 14.78
C LYS A 109 24.51 13.74 14.86
N LYS A 110 23.88 12.56 14.95
CA LYS A 110 24.62 11.30 15.03
C LYS A 110 25.54 11.14 13.83
N VAL A 111 24.99 11.37 12.65
CA VAL A 111 25.76 11.24 11.42
C VAL A 111 26.87 12.30 11.37
N TYR A 112 26.56 13.49 11.89
CA TYR A 112 27.54 14.57 11.92
C TYR A 112 28.69 14.20 12.85
N GLU A 113 28.34 13.88 14.09
CA GLU A 113 29.33 13.51 15.11
C GLU A 113 30.12 12.27 14.70
N ALA A 114 29.59 11.50 13.75
CA ALA A 114 30.25 10.28 13.29
C ALA A 114 31.24 10.60 12.17
N GLY A 115 31.29 11.86 11.76
CA GLY A 115 32.23 12.27 10.72
C GLY A 115 31.84 12.02 9.27
N ASP A 116 30.55 11.76 9.02
CA ASP A 116 30.11 11.50 7.65
C ASP A 116 29.51 12.75 6.99
N ILE A 117 29.75 13.92 7.57
CA ILE A 117 29.22 15.17 6.99
C ILE A 117 30.29 16.24 6.88
N TYR A 118 30.40 16.85 5.70
CA TYR A 118 31.37 17.90 5.50
C TYR A 118 30.79 19.03 4.64
N TYR A 119 31.42 20.19 4.74
CA TYR A 119 30.98 21.36 3.97
C TYR A 119 31.78 21.42 2.68
N GLY A 120 31.08 21.55 1.57
CA GLY A 120 31.75 21.63 0.29
C GLY A 120 31.02 22.56 -0.67
N GLU A 121 31.52 22.61 -1.89
CA GLU A 121 30.92 23.46 -2.90
C GLU A 121 30.12 22.63 -3.89
N TYR A 122 28.89 23.05 -4.17
CA TYR A 122 28.05 22.38 -5.13
C TYR A 122 28.07 23.23 -6.40
N GLU A 123 28.43 22.62 -7.53
CA GLU A 123 28.48 23.35 -8.79
C GLU A 123 27.72 22.61 -9.88
N GLY A 124 27.07 23.36 -10.76
CA GLY A 124 26.32 22.75 -11.84
C GLY A 124 25.36 23.71 -12.52
N LEU A 125 24.55 23.19 -13.43
CA LEU A 125 23.57 24.01 -14.14
C LEU A 125 22.51 24.45 -13.13
N TYR A 126 22.12 25.71 -13.21
CA TYR A 126 21.17 26.29 -12.26
C TYR A 126 20.13 27.18 -12.93
N CYS A 127 18.88 27.11 -12.48
CA CYS A 127 17.85 27.99 -13.00
C CYS A 127 17.55 28.99 -11.88
N VAL A 128 17.93 30.24 -12.08
CA VAL A 128 17.71 31.26 -11.07
C VAL A 128 16.24 31.53 -10.80
N SER A 129 15.39 31.14 -11.74
CA SER A 129 13.95 31.35 -11.58
C SER A 129 13.37 30.25 -10.70
N CYS A 130 13.87 29.02 -10.85
CA CYS A 130 13.42 27.90 -10.03
C CYS A 130 14.19 27.92 -8.71
N GLU A 131 15.37 28.52 -8.76
CA GLU A 131 16.26 28.61 -7.61
C GLU A 131 16.67 27.19 -7.21
N ARG A 132 17.21 26.45 -8.17
CA ARG A 132 17.66 25.08 -7.91
C ARG A 132 18.52 24.55 -9.06
N PHE A 133 19.31 23.52 -8.77
CA PHE A 133 20.18 22.94 -9.78
C PHE A 133 19.48 21.88 -10.63
N TYR A 134 19.98 21.70 -11.85
CA TYR A 134 19.43 20.72 -12.76
C TYR A 134 20.54 19.97 -13.47
N THR A 135 20.40 18.66 -13.59
CA THR A 135 21.39 17.87 -14.31
C THR A 135 20.94 17.93 -15.76
N GLU A 136 21.86 17.79 -16.70
CA GLU A 136 21.50 17.83 -18.11
C GLU A 136 20.32 16.91 -18.38
N LYS A 137 20.31 15.77 -17.68
CA LYS A 137 19.26 14.78 -17.83
C LYS A 137 17.88 15.34 -17.47
N GLU A 138 17.85 16.31 -16.56
CA GLU A 138 16.59 16.91 -16.13
C GLU A 138 16.14 18.02 -17.07
N LEU A 139 17.09 18.68 -17.74
CA LEU A 139 16.73 19.74 -18.67
C LEU A 139 15.97 19.15 -19.84
N VAL A 140 15.05 19.95 -20.40
CA VAL A 140 14.26 19.53 -21.55
C VAL A 140 14.80 20.27 -22.77
N GLU A 141 15.66 19.59 -23.53
CA GLU A 141 16.28 20.17 -24.72
C GLU A 141 17.29 21.23 -24.25
N GLY A 142 17.86 21.00 -23.07
CA GLY A 142 18.83 21.93 -22.53
C GLY A 142 18.23 23.14 -21.86
N LEU A 143 16.91 23.11 -21.65
CA LEU A 143 16.22 24.22 -21.02
C LEU A 143 15.54 23.78 -19.74
N CYS A 144 15.19 24.74 -18.90
CA CYS A 144 14.51 24.42 -17.63
C CYS A 144 13.19 23.74 -17.93
N PRO A 145 12.95 22.57 -17.33
CA PRO A 145 11.69 21.85 -17.56
C PRO A 145 10.48 22.63 -17.09
N ILE A 146 10.70 23.64 -16.27
CA ILE A 146 9.62 24.45 -15.73
C ILE A 146 9.45 25.74 -16.52
N HIS A 147 10.53 26.51 -16.64
CA HIS A 147 10.48 27.79 -17.33
C HIS A 147 10.80 27.70 -18.83
N GLY A 148 11.30 26.55 -19.27
CA GLY A 148 11.63 26.39 -20.67
C GLY A 148 12.63 27.38 -21.23
N ARG A 149 13.47 27.92 -20.35
CA ARG A 149 14.50 28.87 -20.77
C ARG A 149 15.88 28.35 -20.36
N PRO A 150 16.95 28.88 -20.97
CA PRO A 150 18.32 28.44 -20.66
C PRO A 150 18.70 28.53 -19.18
N VAL A 151 19.64 27.68 -18.78
CA VAL A 151 20.12 27.65 -17.41
C VAL A 151 21.60 28.06 -17.40
N GLU A 152 22.11 28.43 -16.22
CA GLU A 152 23.50 28.87 -16.08
C GLU A 152 24.25 28.02 -15.06
N ARG A 153 25.58 28.05 -15.12
CA ARG A 153 26.37 27.30 -14.17
C ARG A 153 26.66 28.18 -12.95
N ARG A 154 26.23 27.72 -11.79
CA ARG A 154 26.44 28.47 -10.54
C ARG A 154 27.07 27.58 -9.48
N LYS A 155 27.50 28.19 -8.38
CA LYS A 155 28.11 27.46 -7.28
C LYS A 155 27.37 27.80 -6.00
N GLU A 156 27.39 26.87 -5.04
CA GLU A 156 26.68 27.07 -3.79
C GLU A 156 27.30 26.24 -2.68
N GLY A 157 27.42 26.82 -1.49
CA GLY A 157 27.96 26.05 -0.37
C GLY A 157 26.87 25.12 0.14
N ASN A 158 27.22 23.86 0.37
CA ASN A 158 26.27 22.84 0.86
C ASN A 158 27.00 21.89 1.82
N TYR A 159 26.27 21.27 2.73
CA TYR A 159 26.91 20.28 3.60
C TYR A 159 26.65 18.99 2.83
N PHE A 160 27.59 18.04 2.89
CA PHE A 160 27.44 16.79 2.17
C PHE A 160 27.53 15.55 3.06
N PHE A 161 26.92 14.48 2.61
CA PHE A 161 26.93 13.20 3.32
C PHE A 161 27.81 12.24 2.53
N ARG A 162 28.76 11.60 3.23
CA ARG A 162 29.68 10.65 2.61
C ARG A 162 28.98 9.32 2.43
N MET A 163 28.04 9.26 1.49
CA MET A 163 27.30 8.04 1.25
C MET A 163 28.15 6.90 0.71
N GLU A 164 29.13 7.23 -0.13
CA GLU A 164 30.02 6.25 -0.74
C GLU A 164 30.71 5.37 0.30
N LYS A 165 31.00 5.95 1.46
CA LYS A 165 31.64 5.23 2.55
C LYS A 165 30.91 3.93 2.87
N TYR A 166 29.59 3.93 2.67
CA TYR A 166 28.77 2.76 2.98
C TYR A 166 28.43 1.82 1.81
N ARG A 167 28.87 2.14 0.60
CA ARG A 167 28.56 1.29 -0.56
C ARG A 167 29.04 -0.15 -0.38
N PRO A 168 30.33 -0.35 -0.03
CA PRO A 168 30.85 -1.71 0.16
C PRO A 168 29.97 -2.54 1.10
N TRP A 169 29.61 -1.97 2.24
CA TRP A 169 28.75 -2.62 3.23
C TRP A 169 27.40 -3.01 2.63
N LEU A 170 26.76 -2.05 1.96
CA LEU A 170 25.45 -2.23 1.34
C LEU A 170 25.44 -3.31 0.26
N GLN A 171 26.43 -3.27 -0.62
CA GLN A 171 26.53 -4.26 -1.68
C GLN A 171 26.54 -5.65 -1.05
N GLU A 172 27.42 -5.83 -0.06
CA GLU A 172 27.54 -7.10 0.64
C GLU A 172 26.28 -7.50 1.41
N TYR A 173 25.59 -6.52 1.98
CA TYR A 173 24.38 -6.81 2.73
C TYR A 173 23.29 -7.36 1.80
N ILE A 174 23.13 -6.73 0.64
CA ILE A 174 22.13 -7.16 -0.33
C ILE A 174 22.50 -8.53 -0.90
N GLN A 175 23.80 -8.75 -1.12
CA GLN A 175 24.25 -10.03 -1.64
C GLN A 175 23.99 -11.14 -0.63
N GLU A 176 24.14 -10.81 0.66
CA GLU A 176 23.94 -11.77 1.75
C GLU A 176 22.47 -11.90 2.19
N ASN A 177 21.64 -10.96 1.76
CA ASN A 177 20.22 -10.97 2.11
C ASN A 177 19.39 -10.97 0.83
N PRO A 178 19.33 -12.13 0.15
CA PRO A 178 18.60 -12.38 -1.10
C PRO A 178 17.14 -11.91 -1.17
N ASP A 179 16.43 -11.94 -0.05
CA ASP A 179 15.03 -11.54 -0.04
C ASP A 179 14.78 -10.09 0.38
N LEU A 180 15.84 -9.32 0.59
CA LEU A 180 15.71 -7.93 1.01
C LEU A 180 14.87 -7.11 0.02
N ILE A 181 15.29 -7.13 -1.25
CA ILE A 181 14.58 -6.40 -2.31
C ILE A 181 13.63 -7.44 -2.88
N ARG A 182 12.35 -7.27 -2.59
CA ARG A 182 11.33 -8.24 -2.97
C ARG A 182 11.19 -8.72 -4.41
N PRO A 183 10.38 -8.05 -5.24
CA PRO A 183 10.33 -8.61 -6.58
C PRO A 183 11.76 -8.78 -7.09
N GLU A 184 12.15 -10.03 -7.31
CA GLU A 184 13.48 -10.40 -7.78
C GLU A 184 14.13 -9.46 -8.80
N GLY A 185 13.37 -9.08 -9.81
CA GLY A 185 13.91 -8.20 -10.85
C GLY A 185 14.51 -6.91 -10.35
N TYR A 186 13.97 -6.38 -9.26
CA TYR A 186 14.48 -5.12 -8.74
C TYR A 186 15.77 -5.28 -7.95
N ARG A 187 15.99 -6.46 -7.38
CA ARG A 187 17.21 -6.73 -6.63
C ARG A 187 18.41 -6.60 -7.59
N ASN A 188 18.29 -7.22 -8.75
CA ASN A 188 19.35 -7.18 -9.74
C ASN A 188 19.59 -5.74 -10.20
N GLU A 189 18.51 -4.97 -10.33
CA GLU A 189 18.62 -3.59 -10.75
C GLU A 189 19.42 -2.78 -9.73
N VAL A 190 19.18 -3.07 -8.44
CA VAL A 190 19.88 -2.36 -7.38
C VAL A 190 21.34 -2.83 -7.30
N LEU A 191 21.57 -4.14 -7.45
CA LEU A 191 22.93 -4.65 -7.41
C LEU A 191 23.73 -4.00 -8.54
N ALA A 192 23.04 -3.68 -9.64
CA ALA A 192 23.69 -3.02 -10.77
C ALA A 192 24.06 -1.60 -10.37
N MET A 193 23.20 -0.97 -9.57
CA MET A 193 23.45 0.39 -9.09
C MET A 193 24.67 0.42 -8.19
N LEU A 194 24.69 -0.48 -7.21
CA LEU A 194 25.79 -0.55 -6.26
C LEU A 194 27.12 -0.96 -6.87
N ALA A 195 27.10 -1.28 -8.16
CA ALA A 195 28.30 -1.68 -8.86
C ALA A 195 29.23 -0.49 -9.05
N GLU A 196 28.65 0.67 -9.38
CA GLU A 196 29.43 1.88 -9.60
C GLU A 196 29.43 2.79 -8.36
N PRO A 197 30.47 3.63 -8.23
CA PRO A 197 30.57 4.54 -7.09
C PRO A 197 29.29 5.36 -6.98
N ILE A 198 28.76 5.50 -5.77
CA ILE A 198 27.54 6.27 -5.56
C ILE A 198 27.82 7.68 -5.05
N GLY A 199 29.10 7.98 -4.86
CA GLY A 199 29.54 9.29 -4.40
C GLY A 199 28.86 9.91 -3.20
N ASP A 200 29.10 11.20 -3.00
CA ASP A 200 28.52 11.95 -1.88
C ASP A 200 27.31 12.76 -2.35
N LEU A 201 26.36 12.94 -1.45
CA LEU A 201 25.14 13.69 -1.77
C LEU A 201 24.96 14.93 -0.92
N SER A 202 24.46 16.00 -1.52
CA SER A 202 24.20 17.23 -0.80
C SER A 202 23.06 16.93 0.16
N ILE A 203 23.21 17.33 1.42
CA ILE A 203 22.14 17.08 2.39
C ILE A 203 21.54 18.39 2.88
N SER A 204 21.97 19.50 2.28
CA SER A 204 21.43 20.79 2.68
C SER A 204 21.65 21.86 1.63
N ARG A 205 20.96 22.98 1.85
CA ARG A 205 21.07 24.15 1.00
C ARG A 205 20.83 25.33 1.92
N PRO A 206 21.39 26.50 1.58
CA PRO A 206 21.20 27.70 2.41
C PRO A 206 19.72 28.02 2.58
N LYS A 207 19.34 28.46 3.77
CA LYS A 207 17.97 28.82 4.06
C LYS A 207 17.54 29.98 3.16
N SER A 208 18.54 30.75 2.72
CA SER A 208 18.28 31.90 1.85
C SER A 208 17.66 31.40 0.54
N ARG A 209 18.06 30.20 0.13
CA ARG A 209 17.57 29.56 -1.10
C ARG A 209 16.36 28.67 -0.85
N VAL A 210 16.39 27.93 0.25
CA VAL A 210 15.30 27.02 0.65
C VAL A 210 14.95 27.36 2.10
N PRO A 211 13.92 28.18 2.30
CA PRO A 211 13.51 28.59 3.65
C PRO A 211 12.50 27.69 4.37
N TRP A 212 11.97 26.70 3.66
CA TRP A 212 10.97 25.80 4.22
C TRP A 212 11.59 24.41 4.47
N GLY A 213 11.70 24.03 5.74
CA GLY A 213 12.26 22.73 6.08
C GLY A 213 12.88 22.66 7.47
N ILE A 214 13.64 21.59 7.72
CA ILE A 214 14.27 21.39 9.03
C ILE A 214 15.72 21.89 9.01
N PRO A 215 16.06 22.82 9.92
CA PRO A 215 17.42 23.35 9.96
C PRO A 215 18.42 22.31 10.44
N LEU A 216 19.66 22.42 9.97
CA LEU A 216 20.69 21.49 10.41
C LEU A 216 21.01 21.91 11.85
N PRO A 217 21.14 20.94 12.77
CA PRO A 217 21.43 21.29 14.17
C PRO A 217 22.76 22.02 14.42
N TRP A 218 23.73 21.85 13.54
CA TRP A 218 25.01 22.52 13.72
C TRP A 218 25.09 23.83 12.93
N ASP A 219 24.07 24.11 12.13
CA ASP A 219 24.05 25.33 11.32
C ASP A 219 22.61 25.67 10.95
N GLU A 220 21.99 26.55 11.73
CA GLU A 220 20.61 26.94 11.49
C GLU A 220 20.46 27.75 10.20
N ASN A 221 21.57 28.06 9.55
CA ASN A 221 21.56 28.82 8.30
C ASN A 221 21.26 27.93 7.08
N HIS A 222 21.28 26.62 7.30
CA HIS A 222 21.02 25.65 6.25
C HIS A 222 19.78 24.82 6.52
N VAL A 223 19.12 24.37 5.45
CA VAL A 223 17.91 23.56 5.56
C VAL A 223 18.16 22.17 4.97
N THR A 224 17.77 21.14 5.73
CA THR A 224 17.95 19.74 5.33
C THR A 224 17.30 19.39 3.99
N ALA A 225 18.06 18.81 3.08
CA ALA A 225 17.54 18.42 1.78
C ALA A 225 16.29 17.56 1.99
N VAL A 226 15.27 17.78 1.18
CA VAL A 226 14.02 17.04 1.32
C VAL A 226 14.16 15.51 1.21
N TRP A 227 15.10 15.04 0.40
CA TRP A 227 15.29 13.61 0.26
C TRP A 227 15.56 12.95 1.61
N PHE A 228 16.54 13.49 2.33
CA PHE A 228 16.97 12.98 3.64
C PHE A 228 15.82 13.11 4.65
N ASP A 229 15.23 14.31 4.67
CA ASP A 229 14.13 14.64 5.55
C ASP A 229 12.99 13.64 5.45
N ALA A 230 12.46 13.45 4.24
CA ALA A 230 11.34 12.55 4.00
C ALA A 230 11.57 11.10 4.43
N LEU A 231 12.70 10.52 4.05
CA LEU A 231 12.99 9.13 4.38
C LEU A 231 12.89 8.78 5.88
N LEU A 232 13.31 9.68 6.75
CA LEU A 232 13.25 9.43 8.18
C LEU A 232 11.85 9.31 8.78
N ASN A 233 10.81 9.57 7.97
CA ASN A 233 9.44 9.46 8.46
C ASN A 233 9.17 8.04 8.98
N TYR A 234 9.80 7.07 8.35
CA TYR A 234 9.63 5.66 8.72
C TYR A 234 10.01 5.35 10.17
N VAL A 235 10.87 6.18 10.75
CA VAL A 235 11.27 5.98 12.13
C VAL A 235 10.73 7.07 13.05
N SER A 236 10.52 8.26 12.52
CA SER A 236 10.00 9.35 13.34
C SER A 236 8.55 9.08 13.73
N ALA A 237 7.82 8.34 12.90
CA ALA A 237 6.42 8.03 13.20
C ALA A 237 6.36 7.02 14.34
N LEU A 238 7.51 6.44 14.67
CA LEU A 238 7.62 5.45 15.74
C LEU A 238 8.26 6.13 16.95
N ASP A 239 8.55 7.43 16.81
CA ASP A 239 9.21 8.22 17.85
C ASP A 239 10.55 7.55 18.17
N TYR A 240 11.17 7.07 17.10
CA TYR A 240 12.45 6.37 17.06
C TYR A 240 13.27 6.22 18.32
N PRO A 241 13.88 7.31 18.81
CA PRO A 241 14.70 7.15 20.01
C PRO A 241 14.08 6.33 21.12
N GLU A 242 13.32 6.99 21.98
CA GLU A 242 12.71 6.34 23.13
C GLU A 242 11.37 5.67 22.92
N GLY A 243 10.72 5.96 21.80
CA GLY A 243 9.42 5.38 21.53
C GLY A 243 9.37 3.87 21.64
N GLU A 244 8.31 3.36 22.26
CA GLU A 244 8.16 1.92 22.40
C GLU A 244 7.74 1.38 21.03
N ALA A 245 7.09 2.24 20.24
CA ALA A 245 6.66 1.86 18.90
C ALA A 245 7.90 1.51 18.06
N TYR A 246 8.97 2.28 18.22
CA TYR A 246 10.19 2.02 17.48
C TYR A 246 10.75 0.64 17.85
N ARG A 247 10.79 0.35 19.15
CA ARG A 247 11.31 -0.93 19.61
C ARG A 247 10.47 -2.09 19.10
N THR A 248 9.16 -1.90 19.09
CA THR A 248 8.23 -2.94 18.65
C THR A 248 8.21 -3.21 17.15
N PHE A 249 7.96 -2.16 16.37
CA PHE A 249 7.82 -2.30 14.92
C PHE A 249 9.04 -2.18 14.01
N TRP A 250 10.07 -1.44 14.40
CA TRP A 250 11.18 -1.30 13.46
C TRP A 250 11.84 -2.61 13.05
N PRO A 251 11.93 -3.59 13.97
CA PRO A 251 12.56 -4.87 13.61
C PRO A 251 11.78 -5.65 12.55
N HIS A 252 10.58 -5.19 12.21
CA HIS A 252 9.77 -5.90 11.21
C HIS A 252 9.35 -5.01 10.05
N ALA A 253 10.07 -3.91 9.86
CA ALA A 253 9.74 -2.96 8.81
C ALA A 253 9.69 -3.48 7.38
N TRP A 254 8.56 -3.23 6.73
CA TRP A 254 8.31 -3.58 5.33
C TRP A 254 7.97 -2.26 4.66
N HIS A 255 8.74 -1.87 3.66
CA HIS A 255 8.48 -0.63 2.94
C HIS A 255 7.87 -0.95 1.57
N LEU A 256 6.76 -0.29 1.23
CA LEU A 256 6.13 -0.49 -0.07
C LEU A 256 6.36 0.77 -0.87
N ILE A 257 6.84 0.63 -2.11
CA ILE A 257 7.06 1.79 -2.96
C ILE A 257 6.84 1.45 -4.43
N GLY A 258 6.80 2.49 -5.25
CA GLY A 258 6.66 2.30 -6.68
C GLY A 258 8.11 2.28 -7.15
N LYS A 259 8.38 1.62 -8.27
CA LYS A 259 9.74 1.54 -8.78
C LYS A 259 10.38 2.90 -8.99
N ASP A 260 9.53 3.92 -9.14
CA ASP A 260 9.97 5.29 -9.36
C ASP A 260 10.96 5.78 -8.30
N ILE A 261 10.83 5.27 -7.09
CA ILE A 261 11.69 5.71 -6.01
C ILE A 261 12.56 4.57 -5.44
N LEU A 262 12.96 3.66 -6.31
CA LEU A 262 13.81 2.53 -5.95
C LEU A 262 15.18 2.96 -5.38
N LYS A 263 15.88 3.84 -6.08
CA LYS A 263 17.20 4.25 -5.64
C LYS A 263 17.24 4.86 -4.23
N PRO A 264 16.34 5.82 -3.96
CA PRO A 264 16.33 6.44 -2.63
C PRO A 264 16.06 5.44 -1.51
N HIS A 265 15.27 4.40 -1.79
CA HIS A 265 14.95 3.40 -0.76
C HIS A 265 15.91 2.23 -0.68
N ALA A 266 16.50 1.85 -1.81
CA ALA A 266 17.43 0.72 -1.84
C ALA A 266 18.90 1.14 -1.69
N VAL A 267 19.18 2.43 -1.89
CA VAL A 267 20.55 2.90 -1.77
C VAL A 267 20.74 3.98 -0.70
N PHE A 268 20.04 5.12 -0.87
CA PHE A 268 20.17 6.21 0.10
C PHE A 268 19.77 5.82 1.53
N TRP A 269 18.53 5.35 1.68
CA TRP A 269 17.96 4.97 2.97
C TRP A 269 18.85 3.97 3.74
N PRO A 270 19.28 2.87 3.09
CA PRO A 270 20.13 1.94 3.84
C PRO A 270 21.42 2.58 4.41
N THR A 271 22.07 3.44 3.64
CA THR A 271 23.30 4.09 4.10
C THR A 271 23.00 5.06 5.25
N MET A 272 21.84 5.70 5.21
CA MET A 272 21.45 6.61 6.29
C MET A 272 21.29 5.82 7.58
N LEU A 273 20.61 4.68 7.45
CA LEU A 273 20.38 3.80 8.60
C LEU A 273 21.70 3.33 9.20
N LYS A 274 22.59 2.82 8.35
CA LYS A 274 23.88 2.34 8.80
C LYS A 274 24.63 3.46 9.52
N ALA A 275 24.68 4.63 8.88
CA ALA A 275 25.37 5.78 9.44
C ALA A 275 24.79 6.19 10.79
N ALA A 276 23.48 6.10 10.94
CA ALA A 276 22.85 6.49 12.20
C ALA A 276 22.83 5.35 13.23
N GLY A 277 23.28 4.17 12.82
CA GLY A 277 23.30 3.04 13.75
C GLY A 277 21.92 2.43 13.96
N ILE A 278 21.07 2.52 12.94
CA ILE A 278 19.72 1.97 13.01
C ILE A 278 19.68 0.69 12.17
N PRO A 279 19.06 -0.39 12.70
CA PRO A 279 18.99 -1.63 11.94
C PRO A 279 18.36 -1.44 10.56
N MET A 280 18.76 -2.29 9.61
CA MET A 280 18.19 -2.23 8.27
C MET A 280 16.74 -2.67 8.35
N TYR A 281 15.94 -2.31 7.33
CA TYR A 281 14.55 -2.72 7.30
C TYR A 281 14.55 -4.18 6.85
N ARG A 282 13.43 -4.88 7.04
CA ARG A 282 13.38 -6.28 6.65
C ARG A 282 13.14 -6.49 5.15
N HIS A 283 12.23 -5.71 4.58
CA HIS A 283 11.94 -5.86 3.15
C HIS A 283 11.53 -4.57 2.44
N LEU A 284 12.01 -4.41 1.21
CA LEU A 284 11.65 -3.29 0.37
C LEU A 284 10.83 -4.01 -0.70
N ASN A 285 9.57 -3.65 -0.82
CA ASN A 285 8.67 -4.31 -1.78
C ASN A 285 8.32 -3.32 -2.89
N VAL A 286 8.88 -3.58 -4.07
CA VAL A 286 8.75 -2.72 -5.23
C VAL A 286 7.61 -2.98 -6.21
N GLY A 287 6.72 -2.00 -6.33
CA GLY A 287 5.59 -2.13 -7.22
C GLY A 287 5.95 -1.60 -8.60
N GLY A 288 5.17 -1.99 -9.60
CA GLY A 288 5.41 -1.56 -10.96
C GLY A 288 4.44 -0.45 -11.37
N PHE A 289 4.49 -0.10 -12.64
CA PHE A 289 3.62 0.94 -13.17
C PHE A 289 2.23 0.42 -13.51
N LEU A 290 1.22 1.26 -13.28
CA LEU A 290 -0.13 0.89 -13.67
C LEU A 290 -0.30 1.64 -14.99
N LEU A 291 -0.21 0.89 -16.08
CA LEU A 291 -0.31 1.45 -17.42
C LEU A 291 -1.73 1.77 -17.85
N GLY A 292 -1.84 2.69 -18.80
CA GLY A 292 -3.13 3.07 -19.33
C GLY A 292 -3.71 1.93 -20.14
N PRO A 293 -4.94 2.06 -20.63
CA PRO A 293 -5.57 0.99 -21.43
C PRO A 293 -4.72 0.53 -22.62
N ASP A 294 -4.08 1.47 -23.29
CA ASP A 294 -3.26 1.17 -24.46
C ASP A 294 -1.94 0.47 -24.18
N GLY A 295 -1.63 0.24 -22.91
CA GLY A 295 -0.39 -0.43 -22.57
C GLY A 295 0.80 0.49 -22.39
N ARG A 296 0.57 1.80 -22.51
CA ARG A 296 1.62 2.79 -22.35
C ARG A 296 1.49 3.47 -20.98
N LYS A 297 2.59 4.04 -20.50
CA LYS A 297 2.58 4.74 -19.22
C LYS A 297 1.53 5.84 -19.29
N MET A 298 0.79 6.01 -18.20
CA MET A 298 -0.27 7.03 -18.14
C MET A 298 0.25 8.45 -18.24
N SER A 299 -0.40 9.23 -19.10
CA SER A 299 -0.03 10.63 -19.30
C SER A 299 -1.18 11.38 -19.95
N LYS A 300 -1.39 12.62 -19.51
CA LYS A 300 -2.44 13.46 -20.06
C LYS A 300 -2.31 13.64 -21.57
N THR A 301 -1.08 13.80 -22.04
CA THR A 301 -0.84 14.01 -23.47
C THR A 301 -1.28 12.80 -24.30
N LEU A 302 -1.26 11.60 -23.69
CA LEU A 302 -1.67 10.38 -24.38
C LEU A 302 -3.15 10.13 -24.20
N GLY A 303 -3.76 10.83 -23.24
CA GLY A 303 -5.18 10.67 -22.99
C GLY A 303 -5.52 9.24 -22.61
N ASN A 304 -4.65 8.62 -21.82
CA ASN A 304 -4.85 7.25 -21.37
C ASN A 304 -4.79 7.19 -19.85
N VAL A 305 -5.10 8.32 -19.21
CA VAL A 305 -5.10 8.40 -17.75
C VAL A 305 -6.41 7.79 -17.23
N VAL A 306 -6.31 6.96 -16.21
CA VAL A 306 -7.48 6.35 -15.60
C VAL A 306 -7.62 6.92 -14.20
N ASP A 307 -8.72 7.61 -13.94
CA ASP A 307 -8.96 8.24 -12.64
C ASP A 307 -9.52 7.22 -11.65
N PRO A 308 -8.80 6.97 -10.55
CA PRO A 308 -9.26 6.02 -9.56
C PRO A 308 -10.55 6.43 -8.84
N PHE A 309 -10.73 7.73 -8.64
CA PHE A 309 -11.92 8.21 -7.96
C PHE A 309 -13.16 8.15 -8.84
N ALA A 310 -12.96 8.21 -10.15
CA ALA A 310 -14.07 8.12 -11.10
C ALA A 310 -14.55 6.67 -11.04
N LEU A 311 -13.61 5.74 -11.06
CA LEU A 311 -13.91 4.32 -10.99
C LEU A 311 -14.61 3.99 -9.68
N LEU A 312 -14.06 4.50 -8.58
CA LEU A 312 -14.63 4.26 -7.26
C LEU A 312 -16.06 4.80 -7.20
N GLU A 313 -16.27 5.97 -7.80
CA GLU A 313 -17.58 6.63 -7.81
C GLU A 313 -18.62 5.77 -8.53
N LYS A 314 -18.22 5.20 -9.66
CA LYS A 314 -19.10 4.36 -10.48
C LYS A 314 -19.31 2.95 -9.94
N TYR A 315 -18.22 2.27 -9.59
CA TYR A 315 -18.33 0.89 -9.13
C TYR A 315 -18.23 0.64 -7.64
N GLY A 316 -17.77 1.62 -6.89
CA GLY A 316 -17.65 1.43 -5.45
C GLY A 316 -16.27 1.03 -4.98
N ARG A 317 -15.97 1.40 -3.74
CA ARG A 317 -14.69 1.12 -3.10
C ARG A 317 -14.26 -0.36 -3.19
N ASP A 318 -15.11 -1.25 -2.70
CA ASP A 318 -14.79 -2.68 -2.70
C ASP A 318 -14.47 -3.25 -4.10
N ALA A 319 -15.25 -2.84 -5.10
CA ALA A 319 -15.04 -3.32 -6.46
C ALA A 319 -13.69 -2.88 -7.01
N LEU A 320 -13.31 -1.63 -6.72
CA LEU A 320 -12.03 -1.12 -7.18
C LEU A 320 -10.88 -1.82 -6.47
N ARG A 321 -10.94 -1.88 -5.14
CA ARG A 321 -9.88 -2.53 -4.36
C ARG A 321 -9.66 -3.95 -4.84
N TYR A 322 -10.74 -4.71 -4.95
CA TYR A 322 -10.66 -6.10 -5.40
C TYR A 322 -10.00 -6.19 -6.77
N TYR A 323 -10.38 -5.29 -7.67
CA TYR A 323 -9.84 -5.29 -9.02
C TYR A 323 -8.34 -5.00 -9.07
N LEU A 324 -7.91 -3.98 -8.32
CA LEU A 324 -6.49 -3.63 -8.30
C LEU A 324 -5.64 -4.75 -7.70
N LEU A 325 -6.19 -5.44 -6.72
CA LEU A 325 -5.48 -6.53 -6.05
C LEU A 325 -5.47 -7.82 -6.86
N ARG A 326 -6.55 -8.06 -7.59
CA ARG A 326 -6.69 -9.28 -8.38
C ARG A 326 -6.08 -9.20 -9.77
N GLU A 327 -6.20 -8.05 -10.41
CA GLU A 327 -5.72 -7.88 -11.77
C GLU A 327 -4.25 -7.52 -11.93
N ILE A 328 -3.62 -6.98 -10.89
CA ILE A 328 -2.23 -6.57 -11.00
C ILE A 328 -1.21 -7.34 -10.17
N PRO A 329 -0.33 -8.12 -10.84
CA PRO A 329 0.67 -8.85 -10.06
C PRO A 329 1.61 -7.79 -9.51
N TYR A 330 1.72 -7.68 -8.20
CA TYR A 330 2.57 -6.65 -7.59
C TYR A 330 3.99 -6.68 -8.12
N GLY A 331 4.43 -5.54 -8.67
CA GLY A 331 5.78 -5.45 -9.20
C GLY A 331 5.86 -5.53 -10.72
N GLN A 332 4.79 -6.02 -11.33
CA GLN A 332 4.74 -6.18 -12.79
C GLN A 332 3.96 -5.04 -13.46
N ASP A 333 4.59 -4.33 -14.38
CA ASP A 333 3.90 -3.24 -15.08
C ASP A 333 2.64 -3.86 -15.69
N THR A 334 1.49 -3.21 -15.50
CA THR A 334 0.23 -3.77 -15.99
C THR A 334 -0.79 -2.73 -16.44
N PRO A 335 -1.44 -2.96 -17.59
CA PRO A 335 -2.45 -2.01 -18.06
C PRO A 335 -3.76 -2.13 -17.27
N VAL A 336 -4.39 -0.99 -17.00
CA VAL A 336 -5.64 -0.95 -16.26
C VAL A 336 -6.66 -0.21 -17.12
N SER A 337 -7.94 -0.53 -16.92
CA SER A 337 -9.00 0.11 -17.69
C SER A 337 -10.36 -0.09 -17.03
N GLU A 338 -11.29 0.81 -17.32
CA GLU A 338 -12.61 0.71 -16.74
C GLU A 338 -13.29 -0.57 -17.20
N GLU A 339 -13.04 -0.93 -18.45
CA GLU A 339 -13.62 -2.14 -19.04
C GLU A 339 -13.16 -3.39 -18.31
N ALA A 340 -11.90 -3.41 -17.90
CA ALA A 340 -11.36 -4.55 -17.19
C ALA A 340 -11.97 -4.61 -15.79
N LEU A 341 -12.17 -3.45 -15.17
CA LEU A 341 -12.76 -3.41 -13.84
C LEU A 341 -14.21 -3.87 -13.93
N ARG A 342 -14.91 -3.37 -14.95
CA ARG A 342 -16.31 -3.74 -15.15
C ARG A 342 -16.48 -5.25 -15.33
N THR A 343 -15.67 -5.84 -16.20
CA THR A 343 -15.78 -7.28 -16.45
C THR A 343 -15.47 -8.08 -15.18
N ARG A 344 -14.42 -7.68 -14.48
CA ARG A 344 -14.01 -8.33 -13.24
C ARG A 344 -15.15 -8.23 -12.23
N TYR A 345 -15.76 -7.06 -12.15
CA TYR A 345 -16.85 -6.82 -11.22
C TYR A 345 -18.06 -7.70 -11.52
N GLU A 346 -18.52 -7.66 -12.76
CA GLU A 346 -19.70 -8.44 -13.15
C GLU A 346 -19.47 -9.94 -13.04
N ALA A 347 -18.29 -10.41 -13.43
CA ALA A 347 -17.99 -11.83 -13.37
C ALA A 347 -17.78 -12.36 -11.95
N ASP A 348 -16.72 -11.90 -11.31
CA ASP A 348 -16.35 -12.34 -9.97
C ASP A 348 -17.25 -11.94 -8.82
N LEU A 349 -17.62 -10.67 -8.77
CA LEU A 349 -18.42 -10.17 -7.66
C LEU A 349 -19.94 -10.27 -7.80
N ALA A 350 -20.49 -9.65 -8.84
CA ALA A 350 -21.94 -9.69 -9.05
C ALA A 350 -22.46 -11.10 -9.33
N ASP A 351 -21.74 -11.85 -10.17
CA ASP A 351 -22.17 -13.20 -10.50
C ASP A 351 -21.68 -14.30 -9.56
N ASP A 352 -20.40 -14.61 -9.65
CA ASP A 352 -19.79 -15.66 -8.82
C ASP A 352 -20.14 -15.61 -7.33
N LEU A 353 -19.85 -14.48 -6.70
CA LEU A 353 -20.12 -14.35 -5.28
C LEU A 353 -21.50 -13.83 -4.92
N GLY A 354 -21.85 -12.66 -5.42
CA GLY A 354 -23.14 -12.06 -5.11
C GLY A 354 -24.37 -12.90 -5.37
N ASN A 355 -24.48 -13.43 -6.57
CA ASN A 355 -25.63 -14.24 -6.93
C ASN A 355 -25.71 -15.52 -6.11
N LEU A 356 -24.55 -16.07 -5.73
CA LEU A 356 -24.54 -17.28 -4.93
C LEU A 356 -25.17 -16.96 -3.57
N VAL A 357 -24.82 -15.80 -3.03
CA VAL A 357 -25.36 -15.38 -1.73
C VAL A 357 -26.87 -15.21 -1.84
N GLN A 358 -27.30 -14.55 -2.90
CA GLN A 358 -28.73 -14.29 -3.12
C GLN A 358 -29.54 -15.57 -3.30
N ARG A 359 -29.04 -16.52 -4.10
CA ARG A 359 -29.82 -17.74 -4.28
C ARG A 359 -29.69 -18.68 -3.08
N THR A 360 -28.65 -18.49 -2.27
CA THR A 360 -28.48 -19.29 -1.07
C THR A 360 -29.58 -18.81 -0.12
N ARG A 361 -29.71 -17.49 0.01
CA ARG A 361 -30.74 -16.94 0.88
C ARG A 361 -32.11 -17.46 0.45
N ALA A 362 -32.40 -17.36 -0.84
CA ALA A 362 -33.68 -17.84 -1.37
C ALA A 362 -33.94 -19.30 -1.02
N MET A 363 -32.94 -20.14 -1.23
CA MET A 363 -33.06 -21.56 -0.92
C MET A 363 -33.20 -21.84 0.58
N LEU A 364 -32.61 -20.99 1.42
CA LEU A 364 -32.72 -21.17 2.85
C LEU A 364 -34.16 -20.90 3.29
N PHE A 365 -34.83 -19.96 2.63
CA PHE A 365 -36.21 -19.64 2.95
C PHE A 365 -37.13 -20.76 2.43
N ARG A 366 -36.78 -21.32 1.29
CA ARG A 366 -37.55 -22.40 0.67
C ARG A 366 -37.37 -23.77 1.30
N PHE A 367 -36.14 -24.10 1.69
CA PHE A 367 -35.87 -25.43 2.25
C PHE A 367 -35.33 -25.49 3.68
N ALA A 368 -35.21 -24.36 4.35
CA ALA A 368 -34.68 -24.38 5.71
C ALA A 368 -35.38 -23.47 6.70
N GLU A 369 -36.65 -23.16 6.44
CA GLU A 369 -37.41 -22.30 7.34
C GLU A 369 -36.72 -20.95 7.54
N GLY A 370 -36.10 -20.45 6.48
CA GLY A 370 -35.43 -19.16 6.55
C GLY A 370 -34.30 -19.03 7.54
N ARG A 371 -33.61 -20.13 7.80
CA ARG A 371 -32.49 -20.11 8.74
C ARG A 371 -31.37 -21.06 8.32
N ILE A 372 -30.21 -20.93 8.96
CA ILE A 372 -29.08 -21.79 8.66
C ILE A 372 -29.38 -23.14 9.28
N PRO A 373 -29.21 -24.23 8.50
CA PRO A 373 -29.46 -25.59 8.98
C PRO A 373 -28.46 -26.04 10.04
N GLU A 374 -28.74 -27.18 10.67
CA GLU A 374 -27.84 -27.72 11.67
C GLU A 374 -26.53 -28.06 10.97
N PRO A 375 -25.38 -27.83 11.63
CA PRO A 375 -24.08 -28.12 11.02
C PRO A 375 -23.89 -29.58 10.62
N VAL A 376 -23.19 -29.78 9.51
CA VAL A 376 -22.88 -31.13 8.99
C VAL A 376 -21.44 -31.12 8.46
N ALA A 377 -20.88 -32.30 8.27
CA ALA A 377 -19.50 -32.42 7.76
C ALA A 377 -19.41 -31.71 6.42
N GLY A 378 -18.22 -31.17 6.12
CA GLY A 378 -18.04 -30.44 4.88
C GLY A 378 -17.80 -31.32 3.67
N GLU A 379 -17.30 -32.53 3.91
CA GLU A 379 -17.02 -33.47 2.84
C GLU A 379 -16.16 -32.86 1.73
N GLU A 380 -16.68 -32.78 0.51
CA GLU A 380 -15.90 -32.22 -0.60
C GLU A 380 -15.50 -30.76 -0.39
N LEU A 381 -16.28 -30.04 0.41
CA LEU A 381 -16.03 -28.63 0.67
C LEU A 381 -15.15 -28.36 1.89
N ALA A 382 -14.88 -29.38 2.69
CA ALA A 382 -14.06 -29.21 3.89
C ALA A 382 -12.68 -28.62 3.59
N GLU A 383 -12.20 -28.85 2.37
CA GLU A 383 -10.89 -28.35 1.96
C GLU A 383 -10.78 -26.84 2.10
N GLY A 384 -11.91 -26.15 2.21
CA GLY A 384 -11.89 -24.71 2.34
C GLY A 384 -11.12 -24.23 3.56
N THR A 385 -11.08 -25.07 4.60
CA THR A 385 -10.38 -24.73 5.84
C THR A 385 -8.86 -24.69 5.64
N GLY A 386 -8.39 -25.19 4.50
CA GLY A 386 -6.97 -25.21 4.21
C GLY A 386 -6.51 -23.97 3.46
N LEU A 387 -7.48 -23.17 2.99
CA LEU A 387 -7.15 -21.98 2.23
C LEU A 387 -6.31 -20.96 2.99
N ALA A 388 -6.64 -20.70 4.25
CA ALA A 388 -5.89 -19.73 5.04
C ALA A 388 -4.39 -20.09 5.06
N GLY A 389 -4.11 -21.35 5.37
CA GLY A 389 -2.73 -21.80 5.42
C GLY A 389 -2.04 -21.68 4.06
N ARG A 390 -2.79 -21.90 2.98
CA ARG A 390 -2.23 -21.80 1.65
C ARG A 390 -2.00 -20.33 1.25
N LEU A 391 -2.91 -19.45 1.66
CA LEU A 391 -2.78 -18.04 1.29
C LEU A 391 -1.76 -17.25 2.10
N ARG A 392 -1.52 -17.64 3.35
CA ARG A 392 -0.56 -16.92 4.18
C ARG A 392 0.77 -16.65 3.48
N PRO A 393 1.46 -17.70 3.01
CA PRO A 393 2.74 -17.52 2.33
C PRO A 393 2.62 -16.72 1.04
N LEU A 394 1.52 -16.89 0.33
CA LEU A 394 1.28 -16.18 -0.92
C LEU A 394 1.23 -14.68 -0.63
N VAL A 395 0.43 -14.30 0.38
CA VAL A 395 0.29 -12.91 0.76
C VAL A 395 1.63 -12.33 1.19
N ARG A 396 2.34 -13.07 2.04
CA ARG A 396 3.63 -12.60 2.52
C ARG A 396 4.69 -12.52 1.44
N GLU A 397 4.49 -13.21 0.32
CA GLU A 397 5.46 -13.17 -0.77
C GLU A 397 4.97 -12.21 -1.87
N LEU A 398 3.99 -11.38 -1.50
CA LEU A 398 3.42 -10.38 -2.39
C LEU A 398 2.64 -10.93 -3.60
N LYS A 399 2.12 -12.14 -3.49
CA LYS A 399 1.33 -12.73 -4.58
C LYS A 399 -0.15 -12.58 -4.25
N PHE A 400 -0.57 -11.34 -4.02
CA PHE A 400 -1.96 -11.04 -3.68
C PHE A 400 -2.93 -11.56 -4.73
N HIS A 401 -2.57 -11.39 -6.00
CA HIS A 401 -3.44 -11.83 -7.08
C HIS A 401 -3.66 -13.34 -7.02
N VAL A 402 -2.63 -14.10 -6.71
CA VAL A 402 -2.78 -15.57 -6.63
C VAL A 402 -3.65 -15.92 -5.43
N ALA A 403 -3.45 -15.22 -4.32
CA ALA A 403 -4.23 -15.47 -3.12
C ALA A 403 -5.71 -15.28 -3.41
N LEU A 404 -6.04 -14.18 -4.08
CA LEU A 404 -7.43 -13.90 -4.41
C LEU A 404 -7.99 -14.87 -5.44
N GLU A 405 -7.15 -15.32 -6.37
CA GLU A 405 -7.60 -16.28 -7.37
C GLU A 405 -7.99 -17.60 -6.69
N GLU A 406 -7.17 -18.05 -5.74
CA GLU A 406 -7.47 -19.29 -5.04
C GLU A 406 -8.73 -19.17 -4.19
N ALA A 407 -8.94 -18.01 -3.58
CA ALA A 407 -10.12 -17.80 -2.76
C ALA A 407 -11.35 -17.83 -3.66
N MET A 408 -11.25 -17.20 -4.83
CA MET A 408 -12.38 -17.17 -5.76
C MET A 408 -12.61 -18.53 -6.38
N ALA A 409 -11.55 -19.31 -6.50
CA ALA A 409 -11.64 -20.65 -7.07
C ALA A 409 -12.53 -21.47 -6.14
N TYR A 410 -12.41 -21.24 -4.83
CA TYR A 410 -13.23 -21.95 -3.88
C TYR A 410 -14.69 -21.50 -4.05
N VAL A 411 -14.89 -20.20 -4.29
CA VAL A 411 -16.24 -19.68 -4.49
C VAL A 411 -16.88 -20.35 -5.70
N LYS A 412 -16.10 -20.52 -6.77
CA LYS A 412 -16.61 -21.18 -7.96
C LYS A 412 -16.91 -22.64 -7.62
N ALA A 413 -16.16 -23.20 -6.69
CA ALA A 413 -16.37 -24.57 -6.27
C ALA A 413 -17.68 -24.70 -5.51
N LEU A 414 -18.05 -23.65 -4.78
CA LEU A 414 -19.30 -23.67 -4.03
C LEU A 414 -20.49 -23.60 -4.98
N ASN A 415 -20.34 -22.79 -6.04
CA ASN A 415 -21.39 -22.64 -7.05
C ASN A 415 -21.59 -23.99 -7.73
N ARG A 416 -20.46 -24.58 -8.11
CA ARG A 416 -20.40 -25.87 -8.78
C ARG A 416 -21.08 -26.96 -7.94
N TYR A 417 -20.84 -26.93 -6.63
CA TYR A 417 -21.40 -27.91 -5.72
C TYR A 417 -22.93 -27.87 -5.71
N ILE A 418 -23.51 -26.67 -5.61
CA ILE A 418 -24.96 -26.53 -5.59
C ILE A 418 -25.60 -27.05 -6.88
N ASN A 419 -25.13 -26.56 -8.02
CA ASN A 419 -25.66 -26.99 -9.31
C ASN A 419 -25.46 -28.49 -9.49
N GLU A 420 -24.48 -29.02 -8.79
CA GLU A 420 -24.16 -30.44 -8.85
C GLU A 420 -25.11 -31.26 -7.98
N LYS A 421 -25.18 -30.88 -6.70
CA LYS A 421 -26.02 -31.57 -5.72
C LYS A 421 -27.52 -31.25 -5.84
N LYS A 422 -27.84 -30.03 -6.25
CA LYS A 422 -29.24 -29.63 -6.40
C LYS A 422 -30.09 -29.89 -5.16
N PRO A 423 -30.01 -29.02 -4.14
CA PRO A 423 -30.80 -29.23 -2.93
C PRO A 423 -32.30 -29.19 -3.21
N TRP A 424 -32.68 -28.50 -4.28
CA TRP A 424 -34.09 -28.39 -4.66
C TRP A 424 -34.66 -29.71 -5.15
N GLU A 425 -33.79 -30.65 -5.47
CA GLU A 425 -34.22 -31.97 -5.92
C GLU A 425 -34.18 -32.92 -4.74
N LEU A 426 -33.13 -32.79 -3.94
CA LEU A 426 -32.94 -33.62 -2.76
C LEU A 426 -34.09 -33.38 -1.79
N PHE A 427 -34.61 -32.16 -1.79
CA PHE A 427 -35.70 -31.79 -0.89
C PHE A 427 -36.93 -32.64 -1.12
N LYS A 428 -37.16 -33.03 -2.37
CA LYS A 428 -38.32 -33.83 -2.73
C LYS A 428 -38.41 -35.13 -1.92
N LYS A 429 -37.45 -36.02 -2.15
CA LYS A 429 -37.42 -37.31 -1.48
C LYS A 429 -36.76 -37.26 -0.10
N GLU A 430 -35.88 -36.28 0.12
CA GLU A 430 -35.18 -36.17 1.40
C GLU A 430 -34.71 -34.75 1.75
N PRO A 431 -35.55 -33.98 2.45
CA PRO A 431 -35.24 -32.61 2.84
C PRO A 431 -33.97 -32.46 3.67
N GLU A 432 -33.80 -33.33 4.68
CA GLU A 432 -32.62 -33.27 5.54
C GLU A 432 -31.33 -33.23 4.72
N GLU A 433 -31.29 -34.00 3.64
CA GLU A 433 -30.12 -34.04 2.78
C GLU A 433 -29.93 -32.69 2.10
N ALA A 434 -31.04 -32.05 1.76
CA ALA A 434 -31.00 -30.75 1.10
C ALA A 434 -30.47 -29.69 2.07
N ARG A 435 -30.83 -29.84 3.35
CA ARG A 435 -30.38 -28.91 4.36
C ARG A 435 -28.91 -29.10 4.69
N ALA A 436 -28.40 -30.30 4.46
CA ALA A 436 -27.00 -30.59 4.71
C ALA A 436 -26.15 -29.92 3.64
N VAL A 437 -26.62 -30.01 2.40
CA VAL A 437 -25.91 -29.39 1.29
C VAL A 437 -25.93 -27.87 1.44
N LEU A 438 -27.05 -27.34 1.92
CA LEU A 438 -27.18 -25.90 2.10
C LEU A 438 -26.23 -25.41 3.19
N TYR A 439 -26.14 -26.14 4.29
CA TYR A 439 -25.23 -25.75 5.35
C TYR A 439 -23.81 -25.65 4.83
N ARG A 440 -23.41 -26.62 4.00
CA ARG A 440 -22.06 -26.65 3.45
C ARG A 440 -21.75 -25.42 2.61
N VAL A 441 -22.74 -24.92 1.88
CA VAL A 441 -22.55 -23.74 1.05
C VAL A 441 -22.43 -22.50 1.93
N VAL A 442 -23.27 -22.40 2.95
CA VAL A 442 -23.23 -21.26 3.86
C VAL A 442 -21.90 -21.23 4.61
N GLU A 443 -21.49 -22.39 5.14
CA GLU A 443 -20.23 -22.45 5.87
C GLU A 443 -19.08 -22.11 4.92
N GLY A 444 -19.22 -22.52 3.66
CA GLY A 444 -18.20 -22.23 2.68
C GLY A 444 -18.11 -20.74 2.40
N LEU A 445 -19.26 -20.09 2.34
CA LEU A 445 -19.29 -18.65 2.10
C LEU A 445 -18.67 -17.91 3.28
N ARG A 446 -18.90 -18.42 4.49
CA ARG A 446 -18.33 -17.83 5.70
C ARG A 446 -16.80 -17.84 5.57
N ILE A 447 -16.26 -19.02 5.30
CA ILE A 447 -14.82 -19.16 5.16
C ILE A 447 -14.27 -18.25 4.07
N ALA A 448 -14.88 -18.30 2.89
CA ALA A 448 -14.45 -17.46 1.78
C ALA A 448 -14.53 -15.98 2.12
N SER A 449 -15.62 -15.57 2.76
CA SER A 449 -15.80 -14.16 3.12
C SER A 449 -14.68 -13.64 4.02
N ILE A 450 -14.15 -14.54 4.85
CA ILE A 450 -13.07 -14.18 5.77
C ILE A 450 -11.81 -13.88 4.98
N LEU A 451 -11.46 -14.79 4.08
CA LEU A 451 -10.28 -14.66 3.25
C LEU A 451 -10.28 -13.40 2.38
N LEU A 452 -11.47 -12.97 1.96
CA LEU A 452 -11.62 -11.79 1.11
C LEU A 452 -11.80 -10.48 1.89
N THR A 453 -11.97 -10.58 3.20
CA THR A 453 -12.18 -9.37 4.00
C THR A 453 -11.13 -8.28 3.82
N PRO A 454 -9.83 -8.63 3.81
CA PRO A 454 -8.79 -7.61 3.62
C PRO A 454 -8.91 -6.87 2.29
N ALA A 455 -9.50 -7.51 1.29
CA ALA A 455 -9.67 -6.86 -0.01
C ALA A 455 -10.95 -6.02 -0.05
N MET A 456 -12.04 -6.57 0.48
CA MET A 456 -13.34 -5.88 0.47
C MET A 456 -13.98 -5.89 1.87
N PRO A 457 -13.40 -5.16 2.83
CA PRO A 457 -13.87 -5.07 4.21
C PRO A 457 -15.36 -4.87 4.41
N ASP A 458 -15.89 -3.76 3.92
CA ASP A 458 -17.30 -3.49 4.09
C ASP A 458 -18.24 -4.52 3.46
N LYS A 459 -17.97 -4.88 2.21
CA LYS A 459 -18.82 -5.83 1.50
C LYS A 459 -18.82 -7.25 2.07
N MET A 460 -17.70 -7.67 2.66
CA MET A 460 -17.65 -9.01 3.23
C MET A 460 -18.40 -9.03 4.55
N ALA A 461 -18.39 -7.90 5.26
CA ALA A 461 -19.13 -7.83 6.52
C ALA A 461 -20.62 -7.86 6.19
N GLU A 462 -20.99 -7.17 5.11
CA GLU A 462 -22.37 -7.11 4.65
C GLU A 462 -22.84 -8.49 4.19
N LEU A 463 -21.94 -9.24 3.56
CA LEU A 463 -22.24 -10.59 3.10
C LEU A 463 -22.55 -11.43 4.36
N ARG A 464 -21.68 -11.32 5.35
CA ARG A 464 -21.84 -12.04 6.60
C ARG A 464 -23.19 -11.69 7.24
N ARG A 465 -23.54 -10.41 7.27
CA ARG A 465 -24.80 -9.96 7.83
C ARG A 465 -26.00 -10.53 7.04
N ALA A 466 -25.84 -10.63 5.73
CA ALA A 466 -26.90 -11.14 4.87
C ALA A 466 -27.26 -12.60 5.20
N LEU A 467 -26.30 -13.33 5.75
CA LEU A 467 -26.51 -14.73 6.10
C LEU A 467 -26.66 -14.91 7.61
N GLY A 468 -26.75 -13.80 8.33
CA GLY A 468 -26.89 -13.88 9.78
C GLY A 468 -25.68 -14.49 10.46
N LEU A 469 -24.51 -14.34 9.85
CA LEU A 469 -23.27 -14.88 10.41
C LEU A 469 -22.57 -13.83 11.26
N LYS A 470 -21.68 -14.27 12.13
CA LYS A 470 -20.91 -13.36 12.98
C LYS A 470 -20.18 -12.40 12.03
N GLU A 471 -20.38 -11.10 12.23
CA GLU A 471 -19.78 -10.08 11.38
C GLU A 471 -18.28 -9.82 11.55
N GLU A 472 -17.84 -9.62 12.79
CA GLU A 472 -16.41 -9.39 13.04
C GLU A 472 -15.77 -10.76 13.04
N VAL A 473 -14.66 -10.91 12.32
CA VAL A 473 -14.00 -12.21 12.24
C VAL A 473 -12.50 -12.20 12.45
N ARG A 474 -11.92 -13.40 12.49
CA ARG A 474 -10.50 -13.60 12.65
C ARG A 474 -10.10 -14.66 11.62
N LEU A 475 -8.92 -14.53 11.02
CA LEU A 475 -8.49 -15.50 10.01
C LEU A 475 -8.51 -16.93 10.52
N GLU A 476 -8.20 -17.10 11.80
CA GLU A 476 -8.18 -18.42 12.44
C GLU A 476 -9.54 -19.12 12.36
N GLU A 477 -10.62 -18.35 12.34
CA GLU A 477 -11.97 -18.92 12.28
C GLU A 477 -12.20 -19.57 10.90
N ALA A 478 -11.43 -19.16 9.91
CA ALA A 478 -11.56 -19.71 8.58
C ALA A 478 -10.85 -21.07 8.48
N GLU A 479 -10.20 -21.49 9.56
CA GLU A 479 -9.46 -22.74 9.54
C GLU A 479 -10.15 -23.90 10.24
N ARG A 480 -11.39 -23.68 10.67
CA ARG A 480 -12.17 -24.72 11.33
C ARG A 480 -13.52 -24.85 10.65
N TRP A 481 -14.02 -26.08 10.56
CA TRP A 481 -15.31 -26.29 9.91
C TRP A 481 -16.46 -26.46 10.89
N GLY A 482 -17.64 -25.99 10.48
CA GLY A 482 -18.83 -26.10 11.31
C GLY A 482 -19.04 -24.96 12.29
N LEU A 483 -18.52 -23.78 11.97
CA LEU A 483 -18.67 -22.64 12.87
C LEU A 483 -19.93 -21.81 12.63
N ALA A 484 -20.51 -21.90 11.44
CA ALA A 484 -21.73 -21.16 11.18
C ALA A 484 -22.81 -21.76 12.07
N GLU A 485 -23.49 -20.91 12.83
CA GLU A 485 -24.54 -21.36 13.75
C GLU A 485 -25.91 -21.42 13.09
N PRO A 486 -26.76 -22.39 13.49
CA PRO A 486 -28.10 -22.54 12.92
C PRO A 486 -29.08 -21.50 13.47
N ARG A 487 -28.93 -20.25 13.03
CA ARG A 487 -29.80 -19.17 13.46
C ARG A 487 -30.56 -18.65 12.25
N PRO A 488 -31.57 -17.80 12.49
CA PRO A 488 -32.35 -17.26 11.37
C PRO A 488 -31.57 -16.20 10.59
N ILE A 489 -31.83 -16.11 9.29
CA ILE A 489 -31.16 -15.11 8.46
C ILE A 489 -32.07 -13.90 8.36
N PRO A 490 -31.51 -12.72 8.06
CA PRO A 490 -32.33 -11.51 7.95
C PRO A 490 -33.49 -11.67 6.97
N GLU A 491 -34.66 -11.21 7.38
CA GLU A 491 -35.87 -11.29 6.57
C GLU A 491 -35.60 -10.72 5.17
N GLU A 492 -34.82 -9.64 5.13
CA GLU A 492 -34.47 -9.00 3.88
C GLU A 492 -33.01 -8.55 3.90
N ALA A 493 -32.39 -8.58 2.73
CA ALA A 493 -31.00 -8.16 2.58
C ALA A 493 -30.84 -7.53 1.21
N PRO A 494 -30.18 -6.38 1.14
CA PRO A 494 -30.01 -5.73 -0.16
C PRO A 494 -29.11 -6.58 -1.07
N VAL A 495 -29.14 -6.28 -2.36
CA VAL A 495 -28.31 -7.01 -3.31
C VAL A 495 -26.86 -6.65 -2.96
N LEU A 496 -26.07 -7.65 -2.58
CA LEU A 496 -24.68 -7.45 -2.20
C LEU A 496 -23.90 -6.61 -3.21
N PHE A 497 -23.81 -7.10 -4.45
CA PHE A 497 -23.09 -6.37 -5.49
C PHE A 497 -24.07 -6.00 -6.61
N PRO A 498 -24.77 -4.87 -6.44
CA PRO A 498 -25.75 -4.39 -7.43
C PRO A 498 -25.21 -4.10 -8.82
N LYS A 499 -26.09 -4.17 -9.81
CA LYS A 499 -25.72 -3.89 -11.19
C LYS A 499 -25.27 -2.44 -11.29
N LYS A 500 -24.28 -2.20 -12.14
CA LYS A 500 -23.75 -0.85 -12.32
C LYS A 500 -24.00 -0.32 -13.73
ZN ZN B . 13.31 27.18 -13.89
#